data_8ZLW
#
_entry.id   8ZLW
#
_cell.length_a   52.664
_cell.length_b   61.590
_cell.length_c   88.002
_cell.angle_alpha   90.00
_cell.angle_beta   94.17
_cell.angle_gamma   90.00
#
_symmetry.space_group_name_H-M   'P 1 21 1'
#
loop_
_entity.id
_entity.type
_entity.pdbx_description
1 polymer 'Maltodextrin-binding protein'
2 polymer Calmodulin
3 polymer 'Serine/threonine-protein phosphatase rdgC'
4 non-polymer 'CALCIUM ION'
5 water water
#
loop_
_entity_poly.entity_id
_entity_poly.type
_entity_poly.pdbx_seq_one_letter_code
_entity_poly.pdbx_strand_id
1 'polypeptide(L)'
;MKIEEGKLVIWINGDKGYNGLAEVGKKFEKDTGIKVTVEHPDKLEEKFPQVAATGDGPDIIFWAHDRFGGYAQSGLLAEI
TPAAAFQDKLYPFTWDAVRYNGKLIAYPIAVEALSLIYNKDLLPNPPKTWEEIPALDKELKAKGKSALMFNLQEPYFTWP
LIAADGGYAFKYAAGKYDIKDVGVDNAGAKAGLTFLVDLIKNKHMNADTDYSIAEAAFNKGETAMTINGPWAWSNIDTSA
VNYGVTVLPTFKGQPSKPFVGVLSAGINAASPNKELAKEFLENYLLTDEGLEAVNKDKPLGAVALKSYEEELAKDPRIAA
TMENAQKGEIMPNIPQMSAFWYAVRTAVINAASGRQTVDAALAAAQTNAARAFAAA
;
A
2 'polypeptide(L)'
;GPGSMADQLTEEQIAEFKEAFSLFDKDGDGTITTKELGTVMRSLGQNPTEAELQDMINEVDADGNGTIDFPEFLTMMARK
MKDTDSEEEIREAFRVFDKDGNGFISAAELRHVMTNLGEKLTDEEVDEMIREADIDGDGQVNYEEFVTMMTSK
;
N
3 'polypeptide(L)' MDENAIRAAIFIQKWYRRHQARREMLEHHHHHH R
#
loop_
_chem_comp.id
_chem_comp.type
_chem_comp.name
_chem_comp.formula
CA non-polymer 'CALCIUM ION' 'Ca 2'
#
# COMPACT_ATOMS: atom_id res chain seq x y z
N MET A 1 11.26 -22.70 -4.32
CA MET A 1 10.36 -23.81 -4.02
C MET A 1 9.93 -23.76 -2.56
N LYS A 2 10.04 -24.90 -1.86
CA LYS A 2 10.13 -24.95 -0.40
C LYS A 2 11.59 -24.71 0.01
N ILE A 3 11.77 -24.35 1.29
CA ILE A 3 13.11 -24.08 1.79
C ILE A 3 13.95 -25.35 1.70
N GLU A 4 15.18 -25.21 1.23
CA GLU A 4 16.14 -26.30 1.19
C GLU A 4 17.47 -25.79 1.72
N GLU A 5 18.15 -26.61 2.51
CA GLU A 5 19.45 -26.20 3.04
C GLU A 5 20.47 -26.18 1.91
N GLY A 6 21.10 -25.02 1.69
CA GLY A 6 22.01 -24.83 0.58
C GLY A 6 21.46 -23.96 -0.54
N LYS A 7 20.23 -23.50 -0.43
CA LYS A 7 19.64 -22.53 -1.36
C LYS A 7 18.96 -21.44 -0.57
N LEU A 8 18.60 -20.35 -1.25
CA LEU A 8 17.87 -19.26 -0.65
C LEU A 8 16.54 -19.07 -1.35
N VAL A 9 15.48 -18.85 -0.57
CA VAL A 9 14.18 -18.46 -1.13
C VAL A 9 13.83 -17.10 -0.55
N ILE A 10 13.41 -16.18 -1.40
CA ILE A 10 13.17 -14.80 -0.98
C ILE A 10 11.76 -14.38 -1.36
N TRP A 11 11.08 -13.70 -0.44
CA TRP A 11 9.77 -13.12 -0.66
C TRP A 11 9.89 -11.60 -0.65
N ILE A 12 9.25 -10.97 -1.64
CA ILE A 12 9.24 -9.52 -1.75
C ILE A 12 7.97 -9.14 -2.53
N ASN A 13 7.39 -8.00 -2.19
CA ASN A 13 6.08 -7.66 -2.75
C ASN A 13 6.13 -7.42 -4.26
N GLY A 14 5.00 -7.70 -4.92
CA GLY A 14 4.90 -7.60 -6.38
C GLY A 14 5.24 -6.24 -6.96
N ASP A 15 5.15 -5.18 -6.18
CA ASP A 15 5.38 -3.84 -6.70
C ASP A 15 6.85 -3.44 -6.71
N LYS A 16 7.71 -4.21 -6.05
CA LYS A 16 9.12 -3.88 -5.99
C LYS A 16 9.85 -4.46 -7.20
N GLY A 17 11.11 -4.08 -7.33
CA GLY A 17 11.96 -4.54 -8.40
C GLY A 17 12.43 -5.96 -8.21
N TYR A 18 11.50 -6.93 -8.17
CA TYR A 18 11.90 -8.30 -7.89
C TYR A 18 12.70 -8.92 -9.03
N ASN A 19 12.47 -8.54 -10.30
CA ASN A 19 13.38 -9.04 -11.31
C ASN A 19 14.76 -8.40 -11.19
N GLY A 20 14.83 -7.16 -10.67
CA GLY A 20 16.12 -6.58 -10.34
C GLY A 20 16.78 -7.35 -9.20
N LEU A 21 15.99 -7.72 -8.18
CA LEU A 21 16.52 -8.54 -7.09
C LEU A 21 16.93 -9.92 -7.60
N ALA A 22 16.21 -10.45 -8.59
CA ALA A 22 16.60 -11.75 -9.14
C ALA A 22 17.95 -11.66 -9.86
N GLU A 23 18.26 -10.52 -10.49
CA GLU A 23 19.59 -10.34 -11.06
C GLU A 23 20.68 -10.45 -10.00
N VAL A 24 20.41 -9.90 -8.81
CA VAL A 24 21.40 -9.98 -7.75
C VAL A 24 21.54 -11.43 -7.28
N GLY A 25 20.45 -12.18 -7.27
CA GLY A 25 20.57 -13.61 -6.98
C GLY A 25 21.39 -14.36 -8.02
N LYS A 26 21.20 -14.01 -9.30
CA LYS A 26 22.02 -14.61 -10.35
C LYS A 26 23.51 -14.36 -10.12
N LYS A 27 23.90 -13.10 -9.91
CA LYS A 27 25.32 -12.82 -9.62
C LYS A 27 25.78 -13.61 -8.42
N PHE A 28 24.98 -13.64 -7.35
CA PHE A 28 25.31 -14.46 -6.20
C PHE A 28 25.50 -15.91 -6.61
N GLU A 29 24.62 -16.42 -7.48
CA GLU A 29 24.77 -17.78 -7.96
C GLU A 29 26.04 -17.95 -8.81
N LYS A 30 26.39 -16.94 -9.61
CA LYS A 30 27.63 -17.01 -10.41
C LYS A 30 28.86 -17.11 -9.51
N ASP A 31 28.92 -16.29 -8.45
CA ASP A 31 30.11 -16.17 -7.62
C ASP A 31 30.26 -17.33 -6.67
N THR A 32 29.20 -17.69 -5.98
CA THR A 32 29.15 -18.83 -5.07
C THR A 32 28.51 -19.97 -5.84
N GLY A 33 28.24 -21.09 -5.17
CA GLY A 33 27.44 -22.03 -5.92
C GLY A 33 25.95 -21.89 -5.68
N ILE A 34 25.53 -20.87 -4.94
CA ILE A 34 24.24 -20.89 -4.25
C ILE A 34 23.14 -20.36 -5.16
N LYS A 35 22.08 -21.15 -5.34
CA LYS A 35 20.92 -20.68 -6.12
C LYS A 35 20.03 -19.78 -5.25
N VAL A 36 19.41 -18.80 -5.90
CA VAL A 36 18.51 -17.84 -5.25
C VAL A 36 17.23 -17.78 -6.05
N THR A 37 16.10 -18.04 -5.39
CA THR A 37 14.79 -17.94 -6.01
C THR A 37 14.06 -16.76 -5.38
N VAL A 38 13.84 -15.73 -6.18
CA VAL A 38 13.07 -14.58 -5.75
C VAL A 38 11.62 -14.82 -6.14
N GLU A 39 10.74 -14.78 -5.16
CA GLU A 39 9.30 -14.97 -5.35
C GLU A 39 8.56 -13.72 -4.86
N HIS A 40 7.40 -13.47 -5.44
CA HIS A 40 6.54 -12.35 -5.01
C HIS A 40 5.11 -12.83 -4.85
N PRO A 41 4.85 -13.70 -3.89
CA PRO A 41 3.48 -14.17 -3.69
C PRO A 41 2.59 -13.05 -3.19
N ASP A 42 1.33 -13.18 -3.57
CA ASP A 42 0.29 -12.29 -3.09
C ASP A 42 0.06 -12.53 -1.60
N LYS A 43 -0.17 -11.45 -0.85
CA LYS A 43 -0.48 -11.56 0.57
C LYS A 43 0.67 -12.19 1.36
N LEU A 44 1.91 -11.97 0.92
CA LEU A 44 3.04 -12.62 1.57
C LEU A 44 3.16 -12.20 3.02
N GLU A 45 2.88 -10.93 3.33
CA GLU A 45 2.97 -10.47 4.71
C GLU A 45 1.93 -11.13 5.60
N GLU A 46 0.86 -11.68 5.03
CA GLU A 46 -0.12 -12.43 5.80
C GLU A 46 0.24 -13.90 5.86
N LYS A 47 0.81 -14.41 4.76
CA LYS A 47 1.17 -15.82 4.69
C LYS A 47 2.39 -16.14 5.54
N PHE A 48 3.34 -15.19 5.66
CA PHE A 48 4.57 -15.49 6.40
C PHE A 48 4.29 -16.08 7.78
N PRO A 49 3.48 -15.48 8.66
CA PRO A 49 3.21 -16.14 9.95
C PRO A 49 2.53 -17.50 9.83
N GLN A 50 1.66 -17.71 8.84
CA GLN A 50 0.97 -18.99 8.74
C GLN A 50 1.90 -20.15 8.44
N VAL A 51 3.08 -19.86 7.89
CA VAL A 51 3.80 -20.86 7.12
C VAL A 51 5.29 -20.83 7.48
N ALA A 52 5.65 -19.96 8.42
CA ALA A 52 7.06 -19.59 8.61
C ALA A 52 7.90 -20.77 9.05
N ALA A 53 7.48 -21.45 10.13
CA ALA A 53 8.22 -22.62 10.61
C ALA A 53 7.46 -23.90 10.29
N THR A 54 7.10 -24.08 9.01
CA THR A 54 6.73 -25.39 8.48
C THR A 54 7.54 -25.69 7.22
N GLY A 55 8.51 -24.84 6.89
CA GLY A 55 9.37 -25.04 5.74
C GLY A 55 8.88 -24.43 4.45
N ASP A 56 7.66 -23.88 4.44
CA ASP A 56 7.11 -23.33 3.22
C ASP A 56 7.17 -21.80 3.19
N GLY A 57 7.84 -21.18 4.15
CA GLY A 57 8.14 -19.76 4.07
C GLY A 57 9.36 -19.52 3.21
N PRO A 58 9.89 -18.29 3.24
CA PRO A 58 11.18 -18.03 2.59
C PRO A 58 12.32 -18.01 3.60
N ASP A 59 13.58 -18.03 3.15
CA ASP A 59 14.65 -17.73 4.11
C ASP A 59 14.64 -16.25 4.44
N ILE A 60 14.18 -15.44 3.50
CA ILE A 60 14.27 -13.99 3.56
C ILE A 60 12.94 -13.40 3.15
N ILE A 61 12.50 -12.39 3.90
CA ILE A 61 11.29 -11.67 3.57
C ILE A 61 11.58 -10.18 3.60
N PHE A 62 11.20 -9.49 2.54
CA PHE A 62 11.20 -8.04 2.47
C PHE A 62 9.79 -7.52 2.74
N TRP A 63 9.68 -6.55 3.65
CA TRP A 63 8.43 -5.86 3.91
C TRP A 63 8.74 -4.55 4.62
N ALA A 64 7.70 -3.72 4.76
CA ALA A 64 7.76 -2.58 5.65
C ALA A 64 8.12 -3.03 7.06
N HIS A 65 9.02 -2.27 7.71
CA HIS A 65 9.53 -2.68 9.01
C HIS A 65 8.43 -2.85 10.05
N ASP A 66 7.33 -2.10 9.93
CA ASP A 66 6.38 -2.06 11.04
C ASP A 66 5.68 -3.40 11.25
N ARG A 67 5.64 -4.25 10.23
CA ARG A 67 5.10 -5.61 10.42
C ARG A 67 6.08 -6.53 11.14
N PHE A 68 7.37 -6.18 11.15
CA PHE A 68 8.37 -7.12 11.63
C PHE A 68 8.33 -7.23 13.15
N GLY A 69 7.88 -6.19 13.84
CA GLY A 69 7.76 -6.26 15.30
C GLY A 69 6.82 -7.37 15.74
N GLY A 70 5.65 -7.45 15.10
CA GLY A 70 4.76 -8.58 15.37
C GLY A 70 5.41 -9.92 15.06
N TYR A 71 6.15 -9.99 13.94
CA TYR A 71 6.87 -11.20 13.58
C TYR A 71 7.87 -11.59 14.66
N ALA A 72 8.66 -10.61 15.12
CA ALA A 72 9.66 -10.88 16.12
C ALA A 72 9.02 -11.36 17.41
N GLN A 73 7.89 -10.74 17.79
CA GLN A 73 7.19 -11.16 19.00
C GLN A 73 6.69 -12.59 18.90
N SER A 74 6.40 -13.05 17.70
CA SER A 74 6.00 -14.44 17.51
C SER A 74 7.19 -15.37 17.28
N GLY A 75 8.43 -14.88 17.45
CA GLY A 75 9.57 -15.73 17.22
C GLY A 75 9.84 -16.12 15.78
N LEU A 76 9.36 -15.36 14.81
CA LEU A 76 9.59 -15.73 13.41
C LEU A 76 10.88 -15.18 12.80
N LEU A 77 11.60 -14.26 13.46
CA LEU A 77 12.74 -13.60 12.82
C LEU A 77 14.04 -13.93 13.55
N ALA A 78 15.05 -14.34 12.80
CA ALA A 78 16.39 -14.47 13.37
C ALA A 78 16.91 -13.09 13.78
N GLU A 79 17.83 -13.09 14.74
CA GLU A 79 18.55 -11.87 15.11
C GLU A 79 19.73 -11.68 14.19
N ILE A 80 19.97 -10.46 13.82
CA ILE A 80 20.86 -10.14 12.72
C ILE A 80 22.21 -9.72 13.30
N THR A 81 23.34 -10.02 12.62
CA THR A 81 24.62 -9.75 13.29
C THR A 81 25.59 -8.87 12.48
N PRO A 82 25.13 -7.79 11.85
CA PRO A 82 26.03 -7.02 11.01
C PRO A 82 27.10 -6.33 11.87
N ALA A 83 28.33 -6.31 11.38
CA ALA A 83 29.41 -5.69 12.13
C ALA A 83 29.20 -4.18 12.23
N ALA A 84 29.81 -3.57 13.25
CA ALA A 84 29.74 -2.12 13.40
C ALA A 84 30.09 -1.39 12.12
N ALA A 85 31.00 -1.93 11.32
CA ALA A 85 31.41 -1.24 10.10
C ALA A 85 30.40 -1.43 8.99
N PHE A 86 29.67 -2.54 8.98
CA PHE A 86 28.57 -2.63 8.04
C PHE A 86 27.48 -1.63 8.40
N GLN A 87 27.20 -1.49 9.70
CA GLN A 87 26.09 -0.64 10.12
C GLN A 87 26.35 0.82 9.75
N ASP A 88 27.62 1.24 9.78
CA ASP A 88 27.94 2.62 9.45
C ASP A 88 27.57 2.98 8.03
N LYS A 89 27.55 2.00 7.12
CA LYS A 89 27.24 2.26 5.71
C LYS A 89 25.81 2.74 5.49
N LEU A 90 24.94 2.56 6.47
CA LEU A 90 23.54 2.93 6.37
C LEU A 90 23.28 4.08 7.33
N TYR A 91 22.31 4.94 6.97
CA TYR A 91 21.98 6.06 7.83
C TYR A 91 21.58 5.52 9.21
N PRO A 92 22.07 6.13 10.31
CA PRO A 92 21.84 5.54 11.64
C PRO A 92 20.37 5.37 11.99
N PHE A 93 19.55 6.36 11.62
CA PHE A 93 18.14 6.32 12.00
C PHE A 93 17.40 5.12 11.41
N THR A 94 17.87 4.56 10.29
CA THR A 94 17.19 3.39 9.74
C THR A 94 17.38 2.16 10.62
N TRP A 95 18.50 2.07 11.37
CA TRP A 95 18.68 0.90 12.24
C TRP A 95 17.70 0.92 13.40
N ASP A 96 17.28 2.11 13.83
CA ASP A 96 16.26 2.18 14.87
C ASP A 96 14.90 1.67 14.40
N ALA A 97 14.69 1.48 13.09
CA ALA A 97 13.41 0.97 12.63
C ALA A 97 13.32 -0.55 12.70
N VAL A 98 14.45 -1.25 12.87
CA VAL A 98 14.51 -2.72 12.79
C VAL A 98 15.00 -3.33 14.09
N ARG A 99 14.74 -2.67 15.22
CA ARG A 99 15.01 -3.22 16.54
C ARG A 99 13.74 -3.76 17.17
N TYR A 100 13.87 -4.86 17.89
CA TYR A 100 12.78 -5.36 18.72
C TYR A 100 13.36 -5.96 19.98
N ASN A 101 12.87 -5.49 21.14
CA ASN A 101 13.48 -5.76 22.43
C ASN A 101 15.00 -5.52 22.39
N GLY A 102 15.40 -4.41 21.76
CA GLY A 102 16.81 -4.07 21.63
C GLY A 102 17.61 -4.82 20.55
N LYS A 103 17.10 -5.94 20.03
CA LYS A 103 17.87 -6.73 19.05
C LYS A 103 17.55 -6.30 17.62
N LEU A 104 18.59 -6.26 16.78
CA LEU A 104 18.41 -6.05 15.34
C LEU A 104 17.73 -7.26 14.74
N ILE A 105 16.72 -7.03 13.88
CA ILE A 105 15.92 -8.14 13.34
C ILE A 105 15.60 -7.98 11.85
N ALA A 106 16.22 -7.00 11.18
CA ALA A 106 16.05 -6.89 9.74
C ALA A 106 17.12 -5.93 9.21
N TYR A 107 17.40 -6.02 7.90
CA TYR A 107 18.30 -5.09 7.22
C TYR A 107 17.50 -3.98 6.55
N PRO A 108 17.73 -2.71 6.89
CA PRO A 108 17.05 -1.61 6.18
C PRO A 108 17.45 -1.59 4.72
N ILE A 109 16.47 -1.29 3.85
CA ILE A 109 16.71 -1.23 2.41
C ILE A 109 16.35 0.15 1.88
N ALA A 110 15.09 0.54 2.00
CA ALA A 110 14.59 1.79 1.43
C ALA A 110 13.73 2.52 2.45
N VAL A 111 13.59 3.83 2.22
CA VAL A 111 12.94 4.75 3.15
C VAL A 111 11.93 5.58 2.37
N GLU A 112 10.71 5.70 2.93
CA GLU A 112 9.66 6.51 2.34
C GLU A 112 9.02 7.36 3.43
N ALA A 113 8.46 8.50 3.00
CA ALA A 113 7.75 9.44 3.86
C ALA A 113 6.97 10.40 2.97
N LEU A 114 5.97 11.03 3.57
CA LEU A 114 5.22 12.05 2.86
C LEU A 114 6.09 13.30 2.67
N SER A 115 5.78 14.04 1.61
CA SER A 115 6.43 15.30 1.27
C SER A 115 5.36 16.29 0.83
N LEU A 116 5.77 17.56 0.71
CA LEU A 116 4.95 18.60 0.11
C LEU A 116 5.12 18.55 -1.39
N ILE A 117 4.00 18.42 -2.12
CA ILE A 117 3.99 18.40 -3.58
C ILE A 117 3.27 19.65 -4.06
N TYR A 118 3.88 20.39 -4.99
CA TYR A 118 3.31 21.68 -5.36
C TYR A 118 3.38 21.93 -6.86
N ASN A 119 2.38 22.67 -7.34
CA ASN A 119 2.24 23.07 -8.73
C ASN A 119 3.05 24.34 -8.95
N LYS A 120 4.17 24.22 -9.68
CA LYS A 120 5.05 25.36 -9.90
C LYS A 120 4.43 26.41 -10.80
N ASP A 121 3.47 26.04 -11.65
CA ASP A 121 2.72 27.02 -12.44
C ASP A 121 1.82 27.87 -11.55
N LEU A 122 1.21 27.27 -10.52
CA LEU A 122 0.33 28.00 -9.62
C LEU A 122 1.06 28.64 -8.45
N LEU A 123 2.24 28.14 -8.11
CA LEU A 123 2.92 28.50 -6.87
C LEU A 123 4.41 28.26 -7.11
N PRO A 124 5.08 29.21 -7.78
CA PRO A 124 6.51 29.04 -8.04
C PRO A 124 7.35 28.85 -6.79
N ASN A 125 6.98 29.48 -5.68
CA ASN A 125 7.69 29.26 -4.43
C ASN A 125 6.77 28.59 -3.42
N PRO A 126 7.10 27.38 -2.95
CA PRO A 126 6.22 26.72 -1.98
C PRO A 126 6.33 27.38 -0.61
N PRO A 127 5.25 27.39 0.17
CA PRO A 127 5.31 27.98 1.52
C PRO A 127 6.15 27.14 2.45
N LYS A 128 7.06 27.79 3.18
CA LYS A 128 7.90 27.11 4.16
C LYS A 128 7.12 26.72 5.42
N THR A 129 5.98 27.34 5.63
CA THR A 129 5.30 27.43 6.91
C THR A 129 3.85 27.06 6.71
N TRP A 130 3.30 26.28 7.66
CA TRP A 130 1.87 25.98 7.63
C TRP A 130 1.04 27.24 7.82
N GLU A 131 1.51 28.14 8.69
CA GLU A 131 0.74 29.32 9.05
C GLU A 131 0.49 30.25 7.87
N GLU A 132 1.32 30.21 6.84
CA GLU A 132 1.12 31.12 5.73
C GLU A 132 0.18 30.55 4.68
N ILE A 133 -0.37 29.37 4.91
CA ILE A 133 -1.18 28.68 3.92
C ILE A 133 -2.57 29.32 3.78
N PRO A 134 -3.25 29.72 4.87
CA PRO A 134 -4.59 30.32 4.71
C PRO A 134 -4.58 31.54 3.81
N ALA A 135 -3.61 32.43 3.99
CA ALA A 135 -3.47 33.58 3.09
C ALA A 135 -3.33 33.14 1.65
N LEU A 136 -2.46 32.16 1.39
CA LEU A 136 -2.32 31.62 0.04
C LEU A 136 -3.66 31.20 -0.54
N ASP A 137 -4.50 30.56 0.27
CA ASP A 137 -5.79 30.08 -0.23
C ASP A 137 -6.72 31.24 -0.57
N LYS A 138 -6.71 32.31 0.24
CA LYS A 138 -7.42 33.53 -0.16
C LYS A 138 -6.97 34.01 -1.54
N GLU A 139 -5.65 34.10 -1.77
CA GLU A 139 -5.14 34.55 -3.05
C GLU A 139 -5.55 33.59 -4.18
N LEU A 140 -5.44 32.28 -3.95
CA LEU A 140 -5.74 31.34 -5.03
C LEU A 140 -7.23 31.21 -5.28
N LYS A 141 -8.04 31.26 -4.22
CA LYS A 141 -9.49 31.20 -4.38
C LYS A 141 -9.97 32.32 -5.30
N ALA A 142 -9.34 33.50 -5.21
CA ALA A 142 -9.72 34.62 -6.05
C ALA A 142 -9.34 34.38 -7.51
N LYS A 143 -8.54 33.36 -7.79
CA LYS A 143 -8.24 32.95 -9.15
C LYS A 143 -8.93 31.64 -9.53
N GLY A 144 -9.90 31.18 -8.73
CA GLY A 144 -10.59 29.96 -9.04
C GLY A 144 -9.86 28.70 -8.65
N LYS A 145 -8.79 28.80 -7.90
CA LYS A 145 -8.04 27.64 -7.46
C LYS A 145 -8.15 27.54 -5.95
N SER A 146 -7.31 26.69 -5.36
CA SER A 146 -7.18 26.59 -3.91
C SER A 146 -5.74 26.27 -3.60
N ALA A 147 -5.38 26.42 -2.33
CA ALA A 147 -3.98 26.29 -1.93
C ALA A 147 -3.58 24.84 -1.73
N LEU A 148 -4.39 24.07 -1.02
CA LEU A 148 -3.92 22.78 -0.51
C LEU A 148 -5.08 21.80 -0.38
N MET A 149 -4.88 20.60 -0.94
CA MET A 149 -5.81 19.50 -0.76
C MET A 149 -5.03 18.23 -0.58
N PHE A 150 -5.25 17.54 0.54
CA PHE A 150 -4.70 16.20 0.77
C PHE A 150 -5.71 15.38 1.55
N ASN A 151 -5.44 14.07 1.66
CA ASN A 151 -6.38 13.14 2.27
C ASN A 151 -6.57 13.43 3.76
N LEU A 152 -7.80 13.77 4.15
CA LEU A 152 -8.11 14.10 5.54
C LEU A 152 -8.72 12.94 6.33
N GLN A 153 -8.97 11.80 5.68
CA GLN A 153 -9.60 10.67 6.33
C GLN A 153 -8.63 9.73 7.04
N GLU A 154 -7.35 9.72 6.68
CA GLU A 154 -6.40 8.76 7.26
C GLU A 154 -5.43 9.46 8.20
N PRO A 155 -5.33 9.00 9.45
CA PRO A 155 -4.38 9.65 10.38
C PRO A 155 -2.94 9.64 9.87
N TYR A 156 -2.56 8.67 9.03
CA TYR A 156 -1.23 8.66 8.45
C TYR A 156 -0.94 9.95 7.67
N PHE A 157 -1.96 10.52 7.02
CA PHE A 157 -1.76 11.72 6.21
C PHE A 157 -1.82 13.00 7.02
N THR A 158 -2.62 13.05 8.09
CA THR A 158 -2.73 14.26 8.91
C THR A 158 -1.76 14.28 10.08
N TRP A 159 -1.19 13.13 10.44
CA TRP A 159 -0.23 13.08 11.53
C TRP A 159 0.99 13.99 11.38
N PRO A 160 1.53 14.26 10.17
CA PRO A 160 2.69 15.17 10.11
C PRO A 160 2.46 16.49 10.82
N LEU A 161 1.24 17.03 10.72
CA LEU A 161 0.96 18.33 11.30
C LEU A 161 0.61 18.22 12.79
N ILE A 162 -0.15 17.17 13.16
CA ILE A 162 -0.50 16.97 14.56
C ILE A 162 0.75 16.73 15.39
N ALA A 163 1.75 16.05 14.83
CA ALA A 163 2.97 15.74 15.55
C ALA A 163 3.97 16.88 15.59
N ALA A 164 3.81 17.89 14.74
CA ALA A 164 4.92 18.83 14.51
C ALA A 164 5.31 19.54 15.80
N ASP A 165 4.34 20.00 16.58
CA ASP A 165 4.61 20.79 17.77
C ASP A 165 4.75 19.94 19.03
N GLY A 166 4.88 18.62 18.90
CA GLY A 166 5.13 17.81 20.08
C GLY A 166 4.36 16.52 20.21
N GLY A 167 3.51 16.20 19.25
CA GLY A 167 2.83 14.92 19.27
C GLY A 167 3.74 13.77 18.90
N TYR A 168 3.33 12.57 19.29
CA TYR A 168 4.05 11.32 18.96
C TYR A 168 3.13 10.16 19.31
N ALA A 169 3.52 8.96 18.87
CA ALA A 169 2.65 7.79 19.04
C ALA A 169 2.93 7.11 20.38
N PHE A 170 4.11 6.52 20.50
CA PHE A 170 4.60 5.96 21.74
C PHE A 170 6.03 6.43 21.87
N LYS A 171 6.46 6.78 23.09
CA LYS A 171 7.82 7.29 23.26
C LYS A 171 8.85 6.18 23.06
N TYR A 172 9.82 6.45 22.18
CA TYR A 172 10.98 5.58 22.05
C TYR A 172 11.76 5.60 23.37
N ALA A 174 17.07 2.89 25.70
CA ALA A 174 17.00 3.33 24.28
C ALA A 174 16.91 2.10 23.39
N GLY A 175 15.93 2.07 22.49
CA GLY A 175 15.84 0.93 21.56
C GLY A 175 14.59 0.12 21.82
N LYS A 176 13.72 0.64 22.68
CA LYS A 176 12.43 -0.04 22.92
C LYS A 176 11.34 1.03 23.05
N TYR A 177 10.08 0.63 22.87
CA TYR A 177 8.96 1.59 22.96
C TYR A 177 8.32 1.53 24.34
N ASP A 178 7.78 2.65 24.81
CA ASP A 178 7.10 2.76 26.10
C ASP A 178 5.61 2.86 25.84
N ILE A 179 4.91 1.72 25.93
CA ILE A 179 3.48 1.69 25.67
C ILE A 179 2.67 2.45 26.71
N LYS A 180 3.30 2.90 27.81
CA LYS A 180 2.60 3.76 28.74
C LYS A 180 2.54 5.20 28.20
N ASP A 181 3.68 5.71 27.73
CA ASP A 181 3.83 7.12 27.36
C ASP A 181 3.25 7.35 25.97
N VAL A 182 2.00 7.78 25.93
CA VAL A 182 1.31 7.93 24.60
C VAL A 182 1.04 9.42 24.34
N GLY A 183 1.66 10.00 23.30
CA GLY A 183 1.57 11.46 23.11
C GLY A 183 0.56 11.91 22.07
N VAL A 184 -0.73 11.79 22.37
CA VAL A 184 -1.79 12.26 21.44
C VAL A 184 -2.58 13.40 22.10
N ASP A 185 -2.33 13.68 23.38
CA ASP A 185 -3.13 14.70 24.11
C ASP A 185 -2.25 15.84 24.64
N ASN A 186 -0.95 15.83 24.39
CA ASN A 186 -0.13 16.95 24.83
C ASN A 186 -0.52 18.22 24.06
N ALA A 187 0.08 19.33 24.48
CA ALA A 187 -0.27 20.62 23.89
C ALA A 187 0.08 20.65 22.39
N GLY A 188 1.17 19.98 21.99
CA GLY A 188 1.56 19.94 20.61
C GLY A 188 0.50 19.35 19.70
N ALA A 189 0.05 18.14 20.03
CA ALA A 189 -0.98 17.48 19.23
C ALA A 189 -2.25 18.34 19.15
N LYS A 190 -2.63 18.97 20.26
CA LYS A 190 -3.84 19.78 20.26
C LYS A 190 -3.68 21.00 19.37
N ALA A 191 -2.51 21.64 19.43
CA ALA A 191 -2.31 22.83 18.60
C ALA A 191 -2.27 22.44 17.13
N GLY A 192 -1.61 21.32 16.82
CA GLY A 192 -1.59 20.85 15.44
C GLY A 192 -2.96 20.53 14.90
N LEU A 193 -3.76 19.78 15.67
CA LEU A 193 -5.08 19.40 15.16
C LEU A 193 -6.03 20.60 15.14
N THR A 194 -5.87 21.52 16.09
CA THR A 194 -6.64 22.76 16.05
C THR A 194 -6.39 23.54 14.75
N PHE A 195 -5.13 23.61 14.33
CA PHE A 195 -4.84 24.35 13.09
C PHE A 195 -5.49 23.66 11.90
N LEU A 196 -5.30 22.35 11.78
CA LEU A 196 -6.02 21.55 10.79
C LEU A 196 -7.52 21.83 10.83
N VAL A 197 -8.08 21.97 12.02
CA VAL A 197 -9.53 22.15 12.11
C VAL A 197 -9.91 23.58 11.76
N ASP A 198 -9.07 24.56 12.12
CA ASP A 198 -9.37 25.91 11.68
C ASP A 198 -9.24 26.04 10.18
N LEU A 199 -8.38 25.24 9.54
CA LEU A 199 -8.31 25.24 8.09
C LEU A 199 -9.65 24.88 7.48
N ILE A 200 -10.28 23.82 8.00
CA ILE A 200 -11.59 23.39 7.51
C ILE A 200 -12.67 24.40 7.90
N LYS A 201 -12.61 24.92 9.13
CA LYS A 201 -13.62 25.87 9.60
C LYS A 201 -13.61 27.12 8.76
N ASN A 202 -12.42 27.64 8.46
CA ASN A 202 -12.23 28.79 7.58
C ASN A 202 -12.34 28.42 6.09
N LYS A 203 -12.80 27.20 5.77
CA LYS A 203 -13.13 26.77 4.41
C LYS A 203 -11.92 26.75 3.48
N HIS A 204 -10.73 26.60 4.04
CA HIS A 204 -9.57 26.36 3.19
C HIS A 204 -9.41 24.88 2.83
N MET A 205 -9.96 23.97 3.63
CA MET A 205 -10.03 22.56 3.27
C MET A 205 -11.40 22.05 3.62
N ASN A 206 -11.76 20.90 3.05
CA ASN A 206 -13.06 20.29 3.32
C ASN A 206 -12.87 18.95 4.00
N ALA A 207 -13.62 18.73 5.08
CA ALA A 207 -13.47 17.56 5.92
C ALA A 207 -13.65 16.25 5.16
N ASP A 208 -14.35 16.25 4.02
CA ASP A 208 -14.67 15.00 3.35
C ASP A 208 -13.63 14.60 2.31
N THR A 209 -12.68 15.50 2.01
CA THR A 209 -11.61 15.19 1.07
C THR A 209 -10.86 13.93 1.48
N ASP A 210 -10.72 13.00 0.54
CA ASP A 210 -9.96 11.77 0.77
C ASP A 210 -8.80 11.66 -0.22
N TYR A 211 -8.26 10.45 -0.39
CA TYR A 211 -7.14 10.27 -1.32
C TYR A 211 -7.56 10.58 -2.74
N SER A 212 -8.61 9.91 -3.23
CA SER A 212 -9.06 10.10 -4.60
C SER A 212 -9.38 11.56 -4.91
N ILE A 213 -10.12 12.22 -4.01
CA ILE A 213 -10.53 13.61 -4.25
C ILE A 213 -9.30 14.51 -4.35
N ALA A 214 -8.33 14.33 -3.46
CA ALA A 214 -7.16 15.20 -3.45
C ALA A 214 -6.24 14.90 -4.65
N GLU A 215 -6.08 13.62 -5.00
CA GLU A 215 -5.24 13.28 -6.15
C GLU A 215 -5.81 13.85 -7.46
N ALA A 216 -7.12 13.68 -7.66
CA ALA A 216 -7.77 14.22 -8.86
C ALA A 216 -7.60 15.72 -8.96
N ALA A 217 -7.79 16.44 -7.85
CA ALA A 217 -7.69 17.89 -7.85
C ALA A 217 -6.28 18.35 -8.23
N PHE A 218 -5.25 17.82 -7.55
CA PHE A 218 -3.90 18.28 -7.87
C PHE A 218 -3.50 17.90 -9.28
N ASN A 219 -3.83 16.68 -9.70
CA ASN A 219 -3.45 16.22 -11.03
C ASN A 219 -4.27 16.87 -12.15
N LYS A 220 -5.33 17.61 -11.84
CA LYS A 220 -6.01 18.45 -12.82
C LYS A 220 -5.62 19.92 -12.70
N GLY A 221 -4.71 20.28 -11.80
CA GLY A 221 -4.33 21.67 -11.69
C GLY A 221 -5.33 22.56 -10.97
N GLU A 222 -6.15 22.00 -10.09
CA GLU A 222 -7.16 22.80 -9.40
C GLU A 222 -6.69 23.33 -8.04
N THR A 223 -5.70 22.70 -7.42
CA THR A 223 -5.14 23.14 -6.15
C THR A 223 -3.63 23.19 -6.27
N ALA A 224 -3.01 24.07 -5.51
CA ALA A 224 -1.60 24.32 -5.71
C ALA A 224 -0.70 23.34 -4.98
N MET A 225 -1.22 22.62 -3.99
CA MET A 225 -0.41 21.69 -3.23
C MET A 225 -1.21 20.45 -2.89
N THR A 226 -0.50 19.34 -2.74
CA THR A 226 -1.02 18.22 -1.97
C THR A 226 0.11 17.71 -1.08
N ILE A 227 -0.19 16.72 -0.25
CA ILE A 227 0.81 16.02 0.55
C ILE A 227 0.69 14.55 0.20
N ASN A 228 1.79 13.95 -0.26
CA ASN A 228 1.73 12.54 -0.66
C ASN A 228 3.12 11.95 -0.69
N GLY A 229 3.18 10.64 -0.93
CA GLY A 229 4.42 9.91 -0.96
C GLY A 229 4.93 9.67 -2.37
N PRO A 230 6.11 9.04 -2.45
CA PRO A 230 6.67 8.68 -3.77
C PRO A 230 5.75 7.81 -4.62
N TRP A 231 4.98 6.91 -4.00
CA TRP A 231 4.04 6.07 -4.75
C TRP A 231 3.13 6.88 -5.67
N ALA A 232 2.93 8.15 -5.37
CA ALA A 232 1.99 8.97 -6.13
C ALA A 232 2.63 9.71 -7.31
N TRP A 233 3.97 9.76 -7.40
CA TRP A 233 4.62 10.55 -8.45
C TRP A 233 4.20 10.08 -9.83
N SER A 234 4.01 8.76 -9.98
CA SER A 234 3.76 8.19 -11.30
C SER A 234 2.49 8.76 -11.92
N ASN A 235 1.40 8.89 -11.14
CA ASN A 235 0.19 9.50 -11.68
C ASN A 235 0.38 11.00 -11.94
N ILE A 236 1.23 11.67 -11.17
CA ILE A 236 1.43 13.10 -11.41
C ILE A 236 2.16 13.31 -12.72
N ASP A 237 3.19 12.49 -12.98
CA ASP A 237 3.90 12.52 -14.26
C ASP A 237 2.91 12.47 -15.43
N THR A 238 2.03 11.46 -15.42
CA THR A 238 1.04 11.29 -16.49
C THR A 238 0.18 12.53 -16.65
N SER A 239 -0.25 13.12 -15.54
CA SER A 239 -1.03 14.35 -15.57
C SER A 239 -0.32 15.47 -16.32
N ALA A 240 1.02 15.46 -16.31
CA ALA A 240 1.90 16.48 -16.88
C ALA A 240 1.85 17.80 -16.10
N VAL A 241 1.31 17.79 -14.89
CA VAL A 241 1.39 18.99 -14.05
C VAL A 241 2.85 19.33 -13.80
N ASN A 242 3.17 20.63 -13.84
CA ASN A 242 4.53 21.13 -13.64
C ASN A 242 4.79 21.21 -12.15
N TYR A 243 5.28 20.12 -11.54
CA TYR A 243 5.25 19.95 -10.10
C TYR A 243 6.62 19.81 -9.45
N GLY A 244 6.71 20.25 -8.19
CA GLY A 244 7.87 20.03 -7.36
C GLY A 244 7.50 19.21 -6.12
N VAL A 245 8.55 18.73 -5.44
CA VAL A 245 8.45 17.92 -4.22
C VAL A 245 9.47 18.45 -3.24
N THR A 246 9.05 18.77 -2.02
CA THR A 246 9.92 19.52 -1.13
C THR A 246 9.62 19.17 0.32
N VAL A 247 10.44 19.74 1.21
CA VAL A 247 10.24 19.59 2.65
C VAL A 247 8.86 20.06 3.04
N LEU A 248 8.25 19.35 3.98
CA LEU A 248 6.95 19.74 4.52
C LEU A 248 7.01 21.12 5.17
N PRO A 249 5.88 21.84 5.21
CA PRO A 249 5.87 23.14 5.91
C PRO A 249 6.09 22.92 7.40
N THR A 250 6.82 23.87 8.03
CA THR A 250 6.90 23.86 9.49
C THR A 250 5.56 24.33 10.10
N PHE A 251 5.44 24.11 11.41
CA PHE A 251 4.30 24.53 12.21
C PHE A 251 4.86 25.04 13.52
N LYS A 252 4.55 26.29 13.86
CA LYS A 252 5.14 26.94 15.02
C LYS A 252 6.66 26.80 14.99
N GLY A 253 7.24 27.04 13.81
CA GLY A 253 8.68 26.96 13.63
C GLY A 253 9.27 25.56 13.64
N GLN A 254 8.43 24.49 13.86
CA GLN A 254 8.94 23.13 14.01
C GLN A 254 8.64 22.29 12.78
N PRO A 255 9.55 21.39 12.40
CA PRO A 255 9.34 20.61 11.18
C PRO A 255 8.11 19.73 11.31
N SER A 256 7.40 19.56 10.20
CA SER A 256 6.38 18.53 10.15
C SER A 256 7.04 17.16 10.32
N LYS A 257 6.37 16.27 11.05
CA LYS A 257 6.93 15.00 11.50
C LYS A 257 6.14 13.86 10.88
N PRO A 258 6.39 13.53 9.62
CA PRO A 258 5.66 12.43 8.99
C PRO A 258 6.15 11.08 9.50
N PHE A 259 5.27 10.08 9.37
CA PHE A 259 5.66 8.72 9.68
C PHE A 259 6.65 8.20 8.64
N VAL A 260 7.65 7.46 9.11
CA VAL A 260 8.69 6.89 8.27
C VAL A 260 8.47 5.38 8.14
N GLY A 261 8.60 4.87 6.91
CA GLY A 261 8.42 3.48 6.60
C GLY A 261 9.68 2.95 5.96
N VAL A 262 10.24 1.86 6.48
CA VAL A 262 11.54 1.37 6.03
C VAL A 262 11.32 -0.02 5.46
N LEU A 263 11.46 -0.15 4.15
CA LEU A 263 11.50 -1.47 3.54
C LEU A 263 12.73 -2.21 4.04
N SER A 264 12.51 -3.40 4.63
CA SER A 264 13.55 -4.13 5.37
C SER A 264 13.53 -5.61 4.99
N ALA A 265 14.71 -6.24 5.10
CA ALA A 265 14.85 -7.67 4.82
C ALA A 265 15.09 -8.41 6.13
N GLY A 266 14.18 -9.33 6.47
CA GLY A 266 14.32 -10.16 7.65
C GLY A 266 14.75 -11.58 7.29
N ILE A 267 15.33 -12.30 8.26
CA ILE A 267 15.77 -13.68 8.06
C ILE A 267 14.85 -14.61 8.86
N ASN A 268 14.26 -15.58 8.17
CA ASN A 268 13.37 -16.55 8.83
C ASN A 268 14.10 -17.26 9.98
N ALA A 269 13.54 -17.14 11.19
CA ALA A 269 14.11 -17.83 12.35
C ALA A 269 14.23 -19.35 12.15
N ALA A 270 13.42 -19.95 11.27
CA ALA A 270 13.50 -21.40 11.06
C ALA A 270 14.41 -21.78 9.90
N SER A 271 15.20 -20.84 9.39
CA SER A 271 16.00 -21.09 8.19
C SER A 271 17.27 -21.85 8.54
N PRO A 272 17.64 -22.90 7.77
CA PRO A 272 18.99 -23.45 7.83
C PRO A 272 19.97 -22.74 6.93
N ASN A 273 19.61 -21.57 6.37
CA ASN A 273 20.50 -20.83 5.50
C ASN A 273 20.79 -19.43 6.04
N LYS A 274 20.88 -19.29 7.37
CA LYS A 274 21.00 -17.96 7.96
C LYS A 274 22.33 -17.29 7.58
N GLU A 275 23.42 -18.06 7.46
CA GLU A 275 24.73 -17.46 7.16
C GLU A 275 24.79 -17.02 5.69
N LEU A 276 24.32 -17.88 4.77
CA LEU A 276 24.19 -17.49 3.37
C LEU A 276 23.28 -16.28 3.19
N ALA A 277 22.19 -16.20 3.97
CA ALA A 277 21.30 -15.05 3.84
C ALA A 277 22.00 -13.77 4.24
N LYS A 278 22.72 -13.80 5.36
CA LYS A 278 23.52 -12.66 5.78
C LYS A 278 24.50 -12.26 4.68
N GLU A 279 25.18 -13.26 4.11
CA GLU A 279 26.16 -12.98 3.05
C GLU A 279 25.50 -12.38 1.83
N PHE A 280 24.35 -12.91 1.44
CA PHE A 280 23.68 -12.34 0.27
C PHE A 280 23.25 -10.88 0.52
N LEU A 281 22.64 -10.63 1.68
CA LEU A 281 22.10 -9.30 1.96
C LEU A 281 23.20 -8.26 2.14
N GLU A 282 24.21 -8.56 2.97
CA GLU A 282 25.38 -7.70 3.09
C GLU A 282 26.29 -8.00 1.92
N ASN A 283 26.84 -6.98 1.32
CA ASN A 283 27.85 -7.10 0.26
C ASN A 283 27.40 -7.86 -1.01
N TYR A 284 26.12 -8.25 -1.17
CA TYR A 284 25.53 -8.35 -2.51
C TYR A 284 24.38 -7.37 -2.69
N LEU A 285 23.29 -7.51 -1.93
CA LEU A 285 22.19 -6.56 -2.06
C LEU A 285 22.59 -5.17 -1.58
N LEU A 286 23.00 -5.04 -0.31
CA LEU A 286 23.23 -3.74 0.29
C LEU A 286 24.59 -3.21 -0.17
N THR A 287 24.65 -2.95 -1.48
CA THR A 287 25.78 -2.37 -2.19
C THR A 287 25.22 -1.48 -3.28
N ASP A 288 26.08 -0.59 -3.77
CA ASP A 288 25.71 0.31 -4.86
C ASP A 288 25.17 -0.47 -6.06
N GLU A 289 25.88 -1.54 -6.47
CA GLU A 289 25.48 -2.25 -7.67
C GLU A 289 24.27 -3.14 -7.42
N GLY A 290 24.11 -3.68 -6.21
CA GLY A 290 22.93 -4.48 -5.91
C GLY A 290 21.66 -3.64 -5.82
N LEU A 291 21.73 -2.53 -5.10
CA LEU A 291 20.54 -1.68 -5.00
C LEU A 291 20.22 -1.05 -6.36
N GLU A 292 21.24 -0.86 -7.20
CA GLU A 292 21.01 -0.32 -8.53
C GLU A 292 20.25 -1.33 -9.39
N ALA A 293 20.60 -2.62 -9.34
CA ALA A 293 19.89 -3.59 -10.16
C ALA A 293 18.41 -3.64 -9.79
N VAL A 294 18.12 -3.54 -8.49
CA VAL A 294 16.73 -3.46 -8.02
C VAL A 294 16.06 -2.17 -8.48
N ASN A 295 16.72 -1.04 -8.26
CA ASN A 295 16.16 0.26 -8.64
C ASN A 295 15.90 0.35 -10.15
N LYS A 296 16.71 -0.32 -10.96
CA LYS A 296 16.50 -0.24 -12.40
C LYS A 296 15.26 -1.03 -12.83
N ASP A 297 14.87 -2.04 -12.05
CA ASP A 297 13.63 -2.76 -12.34
C ASP A 297 12.41 -1.93 -11.92
N LYS A 298 12.34 -1.54 -10.64
CA LYS A 298 11.34 -0.56 -10.18
C LYS A 298 12.01 0.31 -9.13
N PRO A 299 11.82 1.64 -9.19
CA PRO A 299 12.56 2.55 -8.31
C PRO A 299 12.26 2.34 -6.83
N LEU A 300 13.31 2.36 -6.00
CA LEU A 300 13.22 2.18 -4.56
C LEU A 300 12.83 3.44 -3.80
N GLY A 301 12.84 4.61 -4.44
CA GLY A 301 12.72 5.85 -3.72
C GLY A 301 14.05 6.21 -3.09
N ALA A 302 14.04 6.66 -1.84
CA ALA A 302 15.26 6.87 -1.07
C ALA A 302 15.71 5.55 -0.43
N VAL A 303 17.02 5.37 -0.31
CA VAL A 303 17.59 4.14 0.20
C VAL A 303 18.31 4.37 1.52
N ALA A 304 18.46 3.28 2.29
CA ALA A 304 19.14 3.36 3.57
C ALA A 304 20.66 3.47 3.42
N LEU A 305 21.22 2.91 2.34
CA LEU A 305 22.66 2.91 2.08
C LEU A 305 23.13 4.31 1.67
N LYS A 306 23.94 4.94 2.53
CA LYS A 306 24.39 6.32 2.32
C LYS A 306 24.90 6.52 0.91
N SER A 307 25.84 5.68 0.48
CA SER A 307 26.59 5.94 -0.73
C SER A 307 25.66 6.03 -1.93
N TYR A 308 24.64 5.17 -1.99
CA TYR A 308 23.78 5.17 -3.15
C TYR A 308 22.66 6.20 -3.02
N GLU A 309 22.21 6.49 -1.81
CA GLU A 309 21.27 7.59 -1.60
C GLU A 309 21.83 8.90 -2.12
N GLU A 310 23.11 9.17 -1.84
CA GLU A 310 23.71 10.42 -2.27
C GLU A 310 23.71 10.54 -3.79
N GLU A 311 23.85 9.42 -4.49
CA GLU A 311 23.65 9.41 -5.94
C GLU A 311 22.19 9.66 -6.30
N LEU A 312 21.27 8.92 -5.68
CA LEU A 312 19.85 9.08 -6.04
C LEU A 312 19.33 10.46 -5.67
N ALA A 313 19.82 11.02 -4.56
CA ALA A 313 19.29 12.30 -4.12
C ALA A 313 19.64 13.44 -5.07
N LYS A 314 20.38 13.18 -6.17
CA LYS A 314 20.49 14.18 -7.21
C LYS A 314 19.12 14.54 -7.75
N ASP A 315 18.19 13.58 -7.77
CA ASP A 315 16.78 13.88 -7.99
C ASP A 315 16.28 14.59 -6.74
N PRO A 316 15.83 15.85 -6.84
CA PRO A 316 15.42 16.57 -5.63
C PRO A 316 14.14 16.03 -5.00
N ARG A 317 13.32 15.29 -5.75
CA ARG A 317 12.18 14.64 -5.12
C ARG A 317 12.64 13.57 -4.14
N ILE A 318 13.75 12.88 -4.46
CA ILE A 318 14.33 11.88 -3.58
C ILE A 318 14.96 12.53 -2.36
N ALA A 319 15.77 13.57 -2.60
CA ALA A 319 16.29 14.40 -1.52
C ALA A 319 15.18 14.84 -0.57
N ALA A 320 14.03 15.24 -1.12
CA ALA A 320 12.95 15.74 -0.28
C ALA A 320 12.34 14.61 0.56
N THR A 321 12.16 13.42 -0.05
CA THR A 321 11.68 12.27 0.72
C THR A 321 12.61 11.95 1.88
N MET A 322 13.92 11.87 1.62
CA MET A 322 14.86 11.62 2.71
C MET A 322 14.78 12.72 3.76
N GLU A 323 14.85 13.99 3.32
CA GLU A 323 14.82 15.09 4.28
C GLU A 323 13.56 15.06 5.14
N ASN A 324 12.42 14.72 4.54
CA ASN A 324 11.24 14.58 5.37
C ASN A 324 11.35 13.37 6.29
N ALA A 325 11.83 12.23 5.77
CA ALA A 325 12.05 11.07 6.61
C ALA A 325 12.91 11.41 7.82
N GLN A 326 14.07 12.05 7.58
CA GLN A 326 14.97 12.32 8.68
C GLN A 326 14.34 13.26 9.71
N LYS A 327 13.42 14.12 9.29
CA LYS A 327 12.71 14.98 10.22
C LYS A 327 11.49 14.31 10.86
N GLY A 328 11.23 13.05 10.56
CA GLY A 328 9.97 12.42 10.87
C GLY A 328 10.02 11.48 12.05
N GLU A 329 8.99 10.66 12.17
CA GLU A 329 8.83 9.73 13.28
C GLU A 329 8.84 8.31 12.71
N ILE A 330 9.73 7.45 13.21
CA ILE A 330 9.72 6.07 12.76
C ILE A 330 8.41 5.43 13.19
N MET A 331 7.70 4.83 12.25
CA MET A 331 6.43 4.21 12.64
C MET A 331 6.74 3.12 13.65
N PRO A 332 6.15 3.15 14.85
CA PRO A 332 6.35 2.07 15.81
C PRO A 332 6.04 0.72 15.18
N ASN A 333 6.84 -0.29 15.51
CA ASN A 333 6.61 -1.63 15.00
C ASN A 333 5.91 -2.53 16.04
N ILE A 334 5.31 -1.96 17.07
CA ILE A 334 4.66 -2.73 18.12
C ILE A 334 3.19 -2.92 17.73
N PRO A 335 2.49 -3.92 18.28
CA PRO A 335 1.12 -4.17 17.81
C PRO A 335 0.09 -3.24 18.42
N GLN A 336 0.41 -2.52 19.48
CA GLN A 336 -0.50 -1.49 19.97
C GLN A 336 -0.73 -0.38 18.95
N MET A 337 0.04 -0.36 17.85
CA MET A 337 -0.18 0.62 16.81
C MET A 337 -1.57 0.49 16.22
N SER A 338 -2.14 -0.71 16.28
CA SER A 338 -3.50 -0.92 15.77
C SER A 338 -4.51 -0.09 16.57
N ALA A 339 -4.38 -0.12 17.90
CA ALA A 339 -5.23 0.71 18.75
C ALA A 339 -4.98 2.19 18.48
N PHE A 340 -3.73 2.59 18.35
CA PHE A 340 -3.42 3.99 18.01
C PHE A 340 -4.08 4.42 16.71
N TRP A 341 -3.95 3.60 15.65
CA TRP A 341 -4.53 3.95 14.36
C TRP A 341 -6.04 4.20 14.47
N TYR A 342 -6.78 3.22 15.02
CA TYR A 342 -8.22 3.38 15.14
C TYR A 342 -8.56 4.57 16.04
N ALA A 343 -7.85 4.72 17.15
CA ALA A 343 -8.11 5.84 18.06
C ALA A 343 -8.01 7.17 17.33
N VAL A 344 -6.88 7.41 16.65
CA VAL A 344 -6.65 8.71 16.04
C VAL A 344 -7.48 8.91 14.77
N ARG A 345 -7.83 7.85 14.04
CA ARG A 345 -8.71 8.06 12.89
C ARG A 345 -10.04 8.64 13.32
N THR A 346 -10.57 8.17 14.45
CA THR A 346 -11.85 8.67 14.96
C THR A 346 -11.72 10.11 15.46
N ALA A 347 -10.70 10.39 16.25
CA ALA A 347 -10.49 11.74 16.76
C ALA A 347 -10.49 12.78 15.65
N VAL A 348 -9.76 12.53 14.57
CA VAL A 348 -9.64 13.54 13.50
C VAL A 348 -10.96 13.69 12.77
N ILE A 349 -11.59 12.58 12.42
CA ILE A 349 -12.84 12.67 11.67
C ILE A 349 -13.90 13.39 12.49
N ASN A 350 -13.98 13.08 13.80
CA ASN A 350 -14.94 13.72 14.69
C ASN A 350 -14.62 15.20 14.92
N ALA A 351 -13.35 15.52 15.17
CA ALA A 351 -12.94 16.91 15.35
C ALA A 351 -13.13 17.71 14.07
N ALA A 352 -12.70 17.16 12.94
CA ALA A 352 -12.84 17.86 11.65
C ALA A 352 -14.30 18.00 11.24
N SER A 353 -15.13 17.03 11.64
CA SER A 353 -16.57 17.06 11.26
C SER A 353 -17.33 18.02 12.18
N GLY A 354 -16.62 18.69 13.09
CA GLY A 354 -17.27 19.60 14.04
C GLY A 354 -18.11 18.83 15.06
N ARG A 355 -18.89 19.55 15.87
CA ARG A 355 -19.74 18.90 16.90
C ARG A 355 -18.83 18.03 17.80
N GLN A 356 -17.54 18.34 17.84
CA GLN A 356 -16.57 17.55 18.65
C GLN A 356 -15.37 18.45 18.98
N THR A 357 -15.13 18.68 20.28
CA THR A 357 -14.01 19.58 20.70
C THR A 357 -12.67 18.89 20.41
N VAL A 358 -11.75 19.58 19.72
CA VAL A 358 -10.40 19.01 19.47
C VAL A 358 -9.86 18.50 20.81
N ASP A 359 -10.10 19.25 21.90
CA ASP A 359 -9.65 18.81 23.22
C ASP A 359 -10.34 17.52 23.66
N ALA A 360 -11.63 17.40 23.37
CA ALA A 360 -12.38 16.21 23.78
C ALA A 360 -11.96 14.99 22.98
N ALA A 361 -11.95 15.10 21.64
CA ALA A 361 -11.62 13.97 20.79
C ALA A 361 -10.21 13.45 21.08
N LEU A 362 -9.25 14.35 21.30
CA LEU A 362 -7.89 13.92 21.61
C LEU A 362 -7.80 13.25 22.98
N ALA A 363 -8.57 13.73 23.96
CA ALA A 363 -8.63 13.05 25.25
C ALA A 363 -9.13 11.61 25.11
N ALA A 364 -10.20 11.40 24.31
CA ALA A 364 -10.72 10.06 24.10
C ALA A 364 -9.76 9.19 23.29
N ALA A 365 -9.06 9.81 22.32
CA ALA A 365 -8.08 9.05 21.55
C ALA A 365 -6.89 8.63 22.42
N GLN A 366 -6.43 9.56 23.28
CA GLN A 366 -5.44 9.24 24.31
C GLN A 366 -5.82 7.97 25.07
N THR A 367 -7.08 7.87 25.47
CA THR A 367 -7.54 6.68 26.20
C THR A 367 -7.51 5.43 25.30
N ASN A 368 -8.12 5.52 24.11
CA ASN A 368 -8.38 4.37 23.26
C ASN A 368 -7.13 3.66 22.75
N ALA A 369 -5.95 4.14 23.12
CA ALA A 369 -4.70 3.40 22.88
C ALA A 369 -4.45 2.48 24.06
N ALA A 370 -5.20 1.39 24.09
CA ALA A 370 -5.09 0.35 25.12
C ALA A 370 -5.99 -0.81 24.74
N THR B 10 -13.80 -15.61 7.42
CA THR B 10 -12.87 -14.51 7.64
C THR B 10 -13.51 -13.19 7.28
N GLU B 11 -13.19 -12.15 8.05
CA GLU B 11 -13.75 -10.82 7.79
C GLU B 11 -13.06 -10.11 6.64
N GLU B 12 -11.77 -10.36 6.43
CA GLU B 12 -11.07 -9.85 5.25
C GLU B 12 -11.72 -10.34 3.97
N GLN B 13 -12.16 -11.61 3.97
CA GLN B 13 -12.80 -12.13 2.78
C GLN B 13 -14.22 -11.61 2.61
N ILE B 14 -14.92 -11.37 3.73
CA ILE B 14 -16.23 -10.74 3.68
C ILE B 14 -16.14 -9.44 2.89
N ALA B 15 -15.14 -8.60 3.21
CA ALA B 15 -14.99 -7.33 2.51
C ALA B 15 -14.71 -7.54 1.02
N GLU B 16 -13.86 -8.52 0.71
CA GLU B 16 -13.56 -8.84 -0.69
C GLU B 16 -14.83 -9.21 -1.43
N PHE B 17 -15.70 -9.98 -0.79
CA PHE B 17 -17.00 -10.32 -1.36
C PHE B 17 -17.94 -9.10 -1.42
N LYS B 18 -17.85 -8.17 -0.47
CA LYS B 18 -18.67 -6.97 -0.58
C LYS B 18 -18.30 -6.17 -1.81
N GLU B 19 -16.99 -6.09 -2.09
CA GLU B 19 -16.54 -5.48 -3.34
C GLU B 19 -17.09 -6.24 -4.56
N ALA B 20 -17.02 -7.58 -4.52
CA ALA B 20 -17.61 -8.34 -5.62
C ALA B 20 -19.11 -8.12 -5.72
N PHE B 21 -19.80 -7.98 -4.58
CA PHE B 21 -21.22 -7.63 -4.61
C PHE B 21 -21.45 -6.32 -5.36
N SER B 22 -20.56 -5.35 -5.15
CA SER B 22 -20.73 -4.00 -5.70
C SER B 22 -20.63 -3.96 -7.21
N LEU B 23 -19.81 -4.84 -7.80
CA LEU B 23 -19.78 -4.97 -9.25
C LEU B 23 -21.18 -5.13 -9.83
N PHE B 24 -22.01 -5.96 -9.21
CA PHE B 24 -23.36 -6.14 -9.71
C PHE B 24 -24.30 -5.03 -9.25
N ASP B 25 -24.17 -4.60 -7.99
CA ASP B 25 -25.09 -3.62 -7.39
C ASP B 25 -24.60 -2.22 -7.77
N LYS B 26 -24.72 -1.92 -9.06
CA LYS B 26 -24.06 -0.73 -9.57
C LYS B 26 -24.72 0.54 -9.04
N ASP B 27 -25.99 0.50 -8.67
CA ASP B 27 -26.64 1.63 -8.04
C ASP B 27 -26.53 1.58 -6.52
N GLY B 28 -25.83 0.59 -5.99
CA GLY B 28 -25.55 0.53 -4.56
C GLY B 28 -26.77 0.65 -3.68
N ASP B 29 -27.86 -0.02 -4.03
CA ASP B 29 -29.04 0.00 -3.18
C ASP B 29 -29.14 -1.23 -2.30
N GLY B 30 -28.06 -2.02 -2.21
CA GLY B 30 -28.06 -3.22 -1.40
C GLY B 30 -28.71 -4.44 -2.02
N THR B 31 -29.14 -4.38 -3.28
CA THR B 31 -29.79 -5.51 -3.93
C THR B 31 -29.24 -5.67 -5.35
N ILE B 32 -29.19 -6.91 -5.82
CA ILE B 32 -28.82 -7.23 -7.20
C ILE B 32 -30.10 -7.64 -7.95
N THR B 33 -30.45 -6.88 -8.97
CA THR B 33 -31.58 -7.17 -9.85
C THR B 33 -31.14 -8.09 -10.98
N THR B 34 -32.12 -8.62 -11.72
CA THR B 34 -31.72 -9.36 -12.92
C THR B 34 -31.18 -8.42 -13.98
N LYS B 35 -31.70 -7.20 -14.04
CA LYS B 35 -31.16 -6.22 -14.97
C LYS B 35 -29.69 -5.95 -14.66
N GLU B 36 -29.35 -5.82 -13.38
CA GLU B 36 -27.95 -5.59 -13.02
C GLU B 36 -27.10 -6.81 -13.36
N LEU B 37 -27.64 -8.01 -13.17
CA LEU B 37 -26.95 -9.24 -13.54
C LEU B 37 -26.69 -9.30 -15.03
N GLY B 38 -27.72 -9.04 -15.84
CA GLY B 38 -27.57 -9.08 -17.27
C GLY B 38 -26.64 -8.01 -17.79
N THR B 39 -26.60 -6.84 -17.14
CA THR B 39 -25.67 -5.79 -17.57
C THR B 39 -24.22 -6.25 -17.43
N VAL B 40 -23.89 -6.94 -16.34
CA VAL B 40 -22.52 -7.39 -16.14
C VAL B 40 -22.18 -8.52 -17.10
N MET B 41 -23.08 -9.52 -17.22
CA MET B 41 -22.75 -10.66 -18.08
C MET B 41 -22.58 -10.22 -19.53
N ARG B 42 -23.44 -9.33 -20.04
CA ARG B 42 -23.29 -8.90 -21.41
C ARG B 42 -22.02 -8.06 -21.57
N SER B 43 -21.65 -7.28 -20.54
CA SER B 43 -20.35 -6.60 -20.54
C SER B 43 -19.20 -7.60 -20.72
N LEU B 44 -19.40 -8.85 -20.28
CA LEU B 44 -18.41 -9.91 -20.44
C LEU B 44 -18.60 -10.69 -21.73
N GLY B 45 -19.39 -10.15 -22.67
CA GLY B 45 -19.58 -10.84 -23.92
C GLY B 45 -20.53 -12.01 -23.87
N GLN B 46 -21.24 -12.21 -22.77
CA GLN B 46 -22.21 -13.29 -22.69
C GLN B 46 -23.58 -12.84 -23.22
N ASN B 47 -24.45 -13.83 -23.45
CA ASN B 47 -25.72 -13.64 -24.13
C ASN B 47 -26.85 -14.36 -23.39
N PRO B 48 -27.08 -14.04 -22.11
CA PRO B 48 -28.17 -14.69 -21.38
C PRO B 48 -29.56 -14.17 -21.75
N THR B 49 -30.53 -15.08 -21.67
CA THR B 49 -31.94 -14.71 -21.76
C THR B 49 -32.45 -14.20 -20.42
N GLU B 50 -33.58 -13.50 -20.46
CA GLU B 50 -34.24 -13.08 -19.22
C GLU B 50 -34.60 -14.29 -18.35
N ALA B 51 -34.92 -15.43 -18.97
CA ALA B 51 -35.23 -16.62 -18.19
C ALA B 51 -34.00 -17.13 -17.44
N GLU B 52 -32.86 -17.20 -18.14
CA GLU B 52 -31.63 -17.64 -17.50
C GLU B 52 -31.19 -16.63 -16.44
N LEU B 53 -31.44 -15.34 -16.69
CA LEU B 53 -31.18 -14.32 -15.69
C LEU B 53 -32.04 -14.54 -14.45
N GLN B 54 -33.35 -14.74 -14.65
CA GLN B 54 -34.23 -14.95 -13.50
C GLN B 54 -33.83 -16.20 -12.72
N ASP B 55 -33.53 -17.29 -13.43
CA ASP B 55 -33.11 -18.53 -12.77
C ASP B 55 -31.87 -18.30 -11.90
N MET B 56 -30.85 -17.64 -12.47
CA MET B 56 -29.63 -17.35 -11.74
C MET B 56 -29.92 -16.64 -10.43
N ILE B 57 -30.91 -15.76 -10.41
CA ILE B 57 -31.21 -15.01 -9.20
C ILE B 57 -32.11 -15.80 -8.25
N ASN B 58 -33.11 -16.53 -8.77
CA ASN B 58 -33.93 -17.34 -7.88
C ASN B 58 -33.09 -18.33 -7.10
N GLU B 59 -32.04 -18.88 -7.72
CA GLU B 59 -31.16 -19.84 -7.07
C GLU B 59 -30.54 -19.28 -5.79
N VAL B 60 -30.27 -17.97 -5.75
CA VAL B 60 -29.59 -17.33 -4.63
C VAL B 60 -30.57 -16.59 -3.72
N ASP B 61 -31.72 -16.19 -4.25
CA ASP B 61 -32.67 -15.32 -3.56
C ASP B 61 -33.56 -16.16 -2.66
N ALA B 62 -33.18 -16.28 -1.39
CA ALA B 62 -33.94 -17.07 -0.43
C ALA B 62 -35.20 -16.34 0.04
N ASP B 63 -35.33 -15.05 -0.27
CA ASP B 63 -36.44 -14.20 0.15
C ASP B 63 -37.71 -14.43 -0.64
N GLY B 64 -37.59 -14.64 -1.95
CA GLY B 64 -38.73 -14.60 -2.83
C GLY B 64 -38.98 -13.26 -3.50
N ASN B 65 -38.47 -12.16 -2.94
CA ASN B 65 -38.45 -10.93 -3.71
C ASN B 65 -37.53 -11.14 -4.91
N GLY B 66 -37.60 -10.25 -5.87
CA GLY B 66 -36.87 -10.67 -7.04
C GLY B 66 -35.38 -10.43 -7.03
N THR B 67 -34.75 -10.18 -5.87
CA THR B 67 -33.39 -9.64 -5.85
C THR B 67 -32.49 -10.43 -4.89
N ILE B 68 -31.18 -10.28 -5.07
CA ILE B 68 -30.17 -10.85 -4.17
C ILE B 68 -29.68 -9.74 -3.25
N ASP B 69 -29.77 -9.96 -1.95
CA ASP B 69 -29.11 -9.07 -1.00
C ASP B 69 -27.76 -9.68 -0.58
N PHE B 70 -26.96 -8.88 0.14
CA PHE B 70 -25.61 -9.32 0.48
C PHE B 70 -25.59 -10.55 1.38
N PRO B 71 -26.50 -10.70 2.35
CA PRO B 71 -26.53 -11.96 3.12
C PRO B 71 -26.76 -13.17 2.23
N GLU B 72 -27.74 -13.09 1.31
CA GLU B 72 -27.95 -14.13 0.30
C GLU B 72 -26.70 -14.36 -0.53
N PHE B 73 -26.10 -13.28 -1.05
CA PHE B 73 -24.84 -13.36 -1.75
C PHE B 73 -23.77 -14.05 -0.91
N LEU B 74 -23.63 -13.63 0.36
CA LEU B 74 -22.59 -14.20 1.22
C LEU B 74 -22.83 -15.67 1.50
N THR B 75 -24.06 -16.02 1.91
CA THR B 75 -24.40 -17.43 2.14
C THR B 75 -24.02 -18.30 0.93
N MET B 76 -24.28 -17.80 -0.29
CA MET B 76 -24.03 -18.59 -1.49
C MET B 76 -22.52 -18.72 -1.76
N MET B 77 -21.78 -17.63 -1.60
CA MET B 77 -20.33 -17.70 -1.81
C MET B 77 -19.70 -18.77 -0.91
N ALA B 78 -20.23 -18.93 0.30
CA ALA B 78 -19.73 -19.95 1.22
C ALA B 78 -20.05 -21.37 0.74
N ARG B 79 -21.27 -21.58 0.23
CA ARG B 79 -21.73 -22.91 -0.20
C ARG B 79 -20.81 -23.52 -1.28
N ASP B 83 -17.45 -24.88 -4.91
CA ASP B 83 -16.89 -25.45 -3.68
C ASP B 83 -15.90 -26.58 -3.98
N THR B 84 -16.33 -27.52 -4.83
CA THR B 84 -15.48 -28.63 -5.22
C THR B 84 -14.63 -28.33 -6.47
N ASP B 85 -15.21 -27.73 -7.51
CA ASP B 85 -14.49 -27.50 -8.76
C ASP B 85 -14.71 -26.06 -9.22
N SER B 86 -14.15 -25.16 -8.43
CA SER B 86 -13.79 -23.81 -8.85
C SER B 86 -12.79 -23.80 -10.00
N GLU B 87 -12.17 -24.96 -10.30
CA GLU B 87 -11.28 -25.03 -11.44
C GLU B 87 -12.00 -24.65 -12.73
N GLU B 88 -13.22 -25.17 -12.92
CA GLU B 88 -13.99 -24.81 -14.11
C GLU B 88 -14.24 -23.31 -14.16
N GLU B 89 -14.69 -22.73 -13.05
CA GLU B 89 -15.01 -21.30 -13.03
C GLU B 89 -13.77 -20.45 -13.33
N ILE B 90 -12.61 -20.83 -12.78
CA ILE B 90 -11.38 -20.11 -13.07
C ILE B 90 -10.99 -20.28 -14.54
N ARG B 91 -11.19 -21.48 -15.09
CA ARG B 91 -10.94 -21.69 -16.52
C ARG B 91 -11.89 -20.84 -17.36
N GLU B 92 -13.15 -20.75 -16.95
CA GLU B 92 -14.09 -19.89 -17.65
C GLU B 92 -13.67 -18.44 -17.58
N ALA B 93 -13.08 -18.03 -16.45
CA ALA B 93 -12.60 -16.65 -16.32
C ALA B 93 -11.41 -16.40 -17.22
N PHE B 94 -10.49 -17.37 -17.27
CA PHE B 94 -9.40 -17.34 -18.24
C PHE B 94 -9.92 -17.20 -19.66
N ARG B 95 -10.94 -17.99 -20.03
CA ARG B 95 -11.41 -17.94 -21.41
C ARG B 95 -12.01 -16.59 -21.76
N VAL B 96 -12.67 -15.92 -20.80
CA VAL B 96 -13.27 -14.62 -21.08
C VAL B 96 -12.21 -13.58 -21.39
N PHE B 97 -11.11 -13.60 -20.62
CA PHE B 97 -10.00 -12.69 -20.89
C PHE B 97 -9.33 -12.99 -22.22
N ASP B 98 -9.24 -14.26 -22.58
CA ASP B 98 -8.41 -14.68 -23.71
C ASP B 98 -9.28 -14.79 -24.96
N LYS B 99 -9.79 -13.64 -25.38
CA LYS B 99 -10.89 -13.60 -26.35
C LYS B 99 -10.48 -14.17 -27.70
N ASP B 100 -9.19 -14.09 -28.05
CA ASP B 100 -8.69 -14.70 -29.28
C ASP B 100 -8.19 -16.14 -29.09
N GLY B 101 -8.40 -16.74 -27.92
CA GLY B 101 -8.14 -18.15 -27.73
C GLY B 101 -6.71 -18.60 -27.96
N ASN B 102 -5.74 -17.68 -27.98
CA ASN B 102 -4.36 -18.04 -28.28
C ASN B 102 -3.60 -18.53 -27.05
N GLY B 103 -4.24 -18.62 -25.90
CA GLY B 103 -3.63 -19.20 -24.71
C GLY B 103 -2.95 -18.21 -23.78
N PHE B 104 -2.96 -16.93 -24.10
CA PHE B 104 -2.23 -15.90 -23.35
C PHE B 104 -3.09 -14.65 -23.21
N ILE B 105 -3.19 -14.14 -21.99
CA ILE B 105 -3.84 -12.86 -21.73
C ILE B 105 -2.81 -11.76 -21.89
N SER B 106 -3.08 -10.83 -22.81
CA SER B 106 -2.21 -9.68 -23.06
C SER B 106 -2.68 -8.48 -22.24
N ALA B 107 -1.89 -7.40 -22.28
CA ALA B 107 -2.32 -6.13 -21.69
C ALA B 107 -3.62 -5.65 -22.35
N ALA B 108 -3.70 -5.75 -23.67
CA ALA B 108 -4.91 -5.32 -24.37
C ALA B 108 -6.14 -6.09 -23.89
N GLU B 109 -6.03 -7.43 -23.73
CA GLU B 109 -7.19 -8.22 -23.30
C GLU B 109 -7.57 -7.93 -21.86
N LEU B 110 -6.57 -7.76 -20.97
CA LEU B 110 -6.84 -7.30 -19.61
C LEU B 110 -7.58 -5.96 -19.62
N ARG B 111 -7.07 -5.00 -20.39
CA ARG B 111 -7.71 -3.69 -20.47
C ARG B 111 -9.12 -3.81 -21.02
N HIS B 112 -9.28 -4.64 -22.04
CA HIS B 112 -10.58 -4.84 -22.68
C HIS B 112 -11.64 -5.21 -21.65
N VAL B 113 -11.34 -6.20 -20.80
CA VAL B 113 -12.36 -6.70 -19.87
C VAL B 113 -12.58 -5.71 -18.73
N MET B 114 -11.50 -5.13 -18.22
CA MET B 114 -11.59 -4.18 -17.12
C MET B 114 -12.40 -2.95 -17.52
N THR B 115 -12.18 -2.44 -18.73
CA THR B 115 -12.99 -1.34 -19.23
C THR B 115 -14.43 -1.78 -19.44
N ASN B 116 -14.64 -3.02 -19.87
CA ASN B 116 -16.02 -3.46 -20.03
C ASN B 116 -16.73 -3.49 -18.68
N LEU B 117 -16.02 -3.82 -17.62
CA LEU B 117 -16.61 -3.90 -16.28
C LEU B 117 -16.75 -2.55 -15.60
N GLY B 118 -16.16 -1.48 -16.14
CA GLY B 118 -16.19 -0.20 -15.45
C GLY B 118 -15.09 -0.04 -14.42
N GLU B 119 -14.06 -0.87 -14.47
CA GLU B 119 -12.94 -0.76 -13.54
C GLU B 119 -11.94 0.24 -14.11
N LYS B 120 -11.67 1.30 -13.38
CA LYS B 120 -10.78 2.34 -13.86
C LYS B 120 -9.36 1.93 -13.52
N LEU B 121 -8.53 1.77 -14.56
CA LEU B 121 -7.10 1.56 -14.40
C LEU B 121 -6.37 2.44 -15.38
N THR B 122 -5.27 3.05 -14.93
CA THR B 122 -4.36 3.66 -15.89
C THR B 122 -3.66 2.57 -16.71
N ASP B 123 -3.04 3.01 -17.80
CA ASP B 123 -2.21 2.10 -18.61
C ASP B 123 -1.10 1.46 -17.78
N GLU B 124 -0.49 2.23 -16.88
CA GLU B 124 0.58 1.70 -16.04
C GLU B 124 0.06 0.62 -15.11
N GLU B 125 -1.14 0.79 -14.56
CA GLU B 125 -1.67 -0.26 -13.69
C GLU B 125 -1.92 -1.55 -14.48
N VAL B 126 -2.46 -1.43 -15.69
CA VAL B 126 -2.66 -2.60 -16.54
C VAL B 126 -1.33 -3.29 -16.79
N ASP B 127 -0.32 -2.51 -17.19
CA ASP B 127 0.99 -3.09 -17.44
C ASP B 127 1.56 -3.71 -16.18
N GLU B 128 1.36 -3.06 -15.03
CA GLU B 128 1.84 -3.61 -13.77
C GLU B 128 1.07 -4.89 -13.39
N MET B 129 -0.23 -4.96 -13.65
CA MET B 129 -0.92 -6.21 -13.37
C MET B 129 -0.35 -7.34 -14.23
N ILE B 130 0.01 -7.03 -15.48
CA ILE B 130 0.57 -8.04 -16.37
C ILE B 130 1.92 -8.50 -15.85
N ARG B 131 2.81 -7.55 -15.56
CA ARG B 131 4.16 -7.85 -15.10
C ARG B 131 4.15 -8.81 -13.91
N GLU B 132 3.40 -8.47 -12.85
CA GLU B 132 3.39 -9.28 -11.63
C GLU B 132 2.80 -10.66 -11.85
N ALA B 133 1.78 -10.76 -12.69
CA ALA B 133 1.21 -12.06 -13.01
C ALA B 133 2.14 -12.90 -13.86
N ASP B 134 3.08 -12.25 -14.56
CA ASP B 134 3.86 -12.88 -15.64
C ASP B 134 5.12 -13.50 -15.05
N ILE B 135 4.95 -14.73 -14.54
CA ILE B 135 6.04 -15.44 -13.87
C ILE B 135 7.22 -15.62 -14.81
N ASP B 136 6.98 -16.11 -16.04
CA ASP B 136 8.09 -16.48 -16.90
C ASP B 136 8.63 -15.31 -17.72
N GLY B 137 8.09 -14.10 -17.55
CA GLY B 137 8.64 -12.92 -18.20
C GLY B 137 8.45 -12.82 -19.71
N ASP B 138 7.56 -13.61 -20.31
CA ASP B 138 7.32 -13.45 -21.74
C ASP B 138 6.39 -12.28 -22.05
N GLY B 139 5.84 -11.60 -21.05
CA GLY B 139 4.99 -10.44 -21.29
C GLY B 139 3.52 -10.72 -21.46
N GLN B 140 3.06 -11.92 -21.13
CA GLN B 140 1.67 -12.35 -21.31
C GLN B 140 1.38 -13.35 -20.21
N VAL B 141 0.11 -13.52 -19.87
CA VAL B 141 -0.26 -14.37 -18.76
C VAL B 141 -0.87 -15.64 -19.33
N ASN B 142 -0.21 -16.78 -19.14
CA ASN B 142 -0.76 -18.04 -19.61
C ASN B 142 -1.70 -18.62 -18.54
N TYR B 143 -2.14 -19.87 -18.75
CA TYR B 143 -3.17 -20.43 -17.88
C TYR B 143 -2.63 -20.72 -16.48
N GLU B 144 -1.43 -21.30 -16.39
CA GLU B 144 -0.87 -21.65 -15.08
C GLU B 144 -0.57 -20.40 -14.27
N GLU B 145 -0.03 -19.38 -14.93
CA GLU B 145 0.15 -18.09 -14.29
C GLU B 145 -1.17 -17.53 -13.79
N PHE B 146 -2.20 -17.54 -14.64
CA PHE B 146 -3.52 -17.08 -14.20
C PHE B 146 -3.98 -17.84 -12.98
N VAL B 147 -3.78 -19.16 -12.99
CA VAL B 147 -4.25 -19.99 -11.90
C VAL B 147 -3.48 -19.70 -10.62
N THR B 148 -2.17 -19.45 -10.74
CA THR B 148 -1.37 -19.09 -9.57
C THR B 148 -1.99 -17.88 -8.85
N MET B 149 -2.21 -16.80 -9.59
CA MET B 149 -2.81 -15.60 -9.00
C MET B 149 -4.25 -15.84 -8.53
N MET B 150 -5.03 -16.59 -9.29
CA MET B 150 -6.45 -16.73 -8.94
C MET B 150 -6.64 -17.58 -7.70
N THR B 151 -5.65 -18.36 -7.31
CA THR B 151 -5.80 -19.29 -6.22
C THR B 151 -5.06 -18.84 -4.96
N SER B 152 -4.37 -17.70 -5.00
CA SER B 152 -3.73 -17.18 -3.80
C SER B 152 -4.75 -16.96 -2.68
N LYS B 153 -5.87 -16.31 -3.00
CA LYS B 153 -6.90 -15.96 -2.03
C LYS B 153 -6.35 -15.06 -0.90
N ASP C 2 -25.68 -24.51 -9.48
CA ASP C 2 -24.46 -24.18 -10.20
C ASP C 2 -23.96 -22.79 -9.84
N GLU C 3 -24.72 -21.77 -10.26
CA GLU C 3 -24.27 -20.38 -10.19
C GLU C 3 -22.91 -20.22 -10.87
N ASN C 4 -22.74 -20.92 -12.00
CA ASN C 4 -21.45 -20.94 -12.68
C ASN C 4 -21.06 -19.56 -13.20
N ALA C 5 -22.02 -18.82 -13.77
CA ALA C 5 -21.67 -17.58 -14.45
C ALA C 5 -21.34 -16.47 -13.46
N ILE C 6 -22.09 -16.39 -12.36
CA ILE C 6 -21.82 -15.38 -11.35
C ILE C 6 -20.45 -15.61 -10.72
N ARG C 7 -20.18 -16.86 -10.34
CA ARG C 7 -18.88 -17.19 -9.77
C ARG C 7 -17.74 -16.89 -10.74
N ALA C 8 -17.88 -17.28 -12.01
CA ALA C 8 -16.90 -16.94 -13.04
C ALA C 8 -16.66 -15.43 -13.11
N ALA C 9 -17.74 -14.63 -12.98
CA ALA C 9 -17.59 -13.18 -13.09
C ALA C 9 -16.90 -12.62 -11.87
N ILE C 10 -17.20 -13.17 -10.69
CA ILE C 10 -16.48 -12.81 -9.47
C ILE C 10 -15.01 -13.17 -9.60
N PHE C 11 -14.73 -14.31 -10.21
CA PHE C 11 -13.34 -14.71 -10.42
C PHE C 11 -12.65 -13.77 -11.41
N ILE C 12 -13.38 -13.36 -12.46
CA ILE C 12 -12.81 -12.40 -13.41
C ILE C 12 -12.46 -11.10 -12.70
N GLN C 13 -13.27 -10.69 -11.73
CA GLN C 13 -13.06 -9.42 -11.07
C GLN C 13 -11.96 -9.47 -10.02
N LYS C 14 -11.62 -10.68 -9.54
CA LYS C 14 -10.59 -10.83 -8.51
C LYS C 14 -9.28 -10.15 -8.90
N TRP C 15 -8.88 -10.27 -10.16
CA TRP C 15 -7.63 -9.63 -10.57
C TRP C 15 -7.63 -8.16 -10.15
N TYR C 16 -8.74 -7.45 -10.42
CA TYR C 16 -8.85 -6.04 -10.08
C TYR C 16 -8.93 -5.81 -8.57
N ARG C 17 -9.61 -6.70 -7.84
CA ARG C 17 -9.73 -6.54 -6.39
C ARG C 17 -8.37 -6.58 -5.72
N ARG C 18 -7.55 -7.59 -6.07
CA ARG C 18 -6.23 -7.73 -5.50
C ARG C 18 -5.35 -6.53 -5.85
N HIS C 19 -5.29 -6.16 -7.13
CA HIS C 19 -4.47 -5.01 -7.51
C HIS C 19 -4.92 -3.75 -6.76
N GLN C 20 -6.25 -3.56 -6.61
CA GLN C 20 -6.78 -2.39 -5.92
C GLN C 20 -6.44 -2.41 -4.44
N ALA C 21 -6.68 -3.53 -3.78
CA ALA C 21 -6.29 -3.67 -2.38
C ALA C 21 -4.79 -3.44 -2.22
N ARG C 22 -3.97 -3.99 -3.11
CA ARG C 22 -2.52 -3.79 -3.02
C ARG C 22 -2.13 -2.32 -3.18
N ARG C 23 -2.79 -1.64 -4.12
CA ARG C 23 -2.47 -0.23 -4.37
C ARG C 23 -2.86 0.62 -3.18
N GLU C 24 -4.01 0.34 -2.57
CA GLU C 24 -4.45 1.12 -1.42
C GLU C 24 -3.45 1.01 -0.27
N MET C 25 -2.92 -0.18 -0.03
CA MET C 25 -1.96 -0.37 1.04
C MET C 25 -0.63 0.31 0.75
N LEU C 26 -0.21 0.38 -0.52
CA LEU C 26 1.03 1.09 -0.83
C LEU C 26 0.84 2.60 -0.75
N GLU C 27 -0.40 3.07 -0.96
CA GLU C 27 -0.77 4.47 -0.82
C GLU C 27 -1.35 4.77 0.56
N HIS C 28 -1.31 3.81 1.47
CA HIS C 28 -1.60 4.03 2.89
C HIS C 28 -3.03 4.55 3.13
N HIS C 29 -4.03 3.97 2.47
CA HIS C 29 -5.39 4.47 2.68
C HIS C 29 -6.41 3.38 2.38
N HIS C 30 -7.69 3.77 2.41
CA HIS C 30 -8.86 2.89 2.30
C HIS C 30 -8.66 1.54 2.98
CA CA D . 3.98 -15.33 -18.99
CA CA E . -33.75 -11.47 -1.84
CA CA F . -29.10 -2.74 -7.26
CA CA G . -3.57 -12.43 -27.15
#